data_2CU5
#
_entry.id   2CU5
#
_cell.length_a   82.498
_cell.length_b   45.293
_cell.length_c   96.523
_cell.angle_alpha   90.00
_cell.angle_beta   111.75
_cell.angle_gamma   90.00
#
_symmetry.space_group_name_H-M   'C 1 2 1'
#
loop_
_entity.id
_entity.type
_entity.pdbx_description
1 polymer 'Conserved Hypothetical Protein TT1486'
2 water water
#
_entity_poly.entity_id   1
_entity_poly.type   'polypeptide(L)'
_entity_poly.pdbx_seq_one_letter_code
;MEGVVRLEVPTPEEGFVNITRKVEAALSGHTGLVYLFVPHTTCGLTVQEGADPTVAQDLLGRLAELAPRHRPQDRHLEGN
SHAHLKSLLTGVHLLLLAEKGRLRLGRWQQVFLAEFDGPRVREVWVRLL
;
_entity_poly.pdbx_strand_id   A,B,C
#
# COMPACT_ATOMS: atom_id res chain seq x y z
N MET A 1 21.91 1.15 13.36
CA MET A 1 21.00 0.09 13.86
C MET A 1 21.58 -1.28 13.57
N GLU A 2 21.30 -2.24 14.45
CA GLU A 2 21.77 -3.60 14.27
C GLU A 2 20.82 -4.38 13.37
N GLY A 3 21.38 -5.02 12.35
CA GLY A 3 20.57 -5.81 11.44
C GLY A 3 19.74 -5.02 10.45
N VAL A 4 19.87 -3.69 10.50
CA VAL A 4 19.11 -2.84 9.59
C VAL A 4 20.04 -1.79 8.99
N VAL A 5 20.09 -1.75 7.66
CA VAL A 5 20.93 -0.79 6.97
C VAL A 5 20.18 0.51 6.74
N ARG A 6 20.86 1.63 6.99
CA ARG A 6 20.26 2.94 6.80
C ARG A 6 20.83 3.66 5.59
N LEU A 7 20.03 3.77 4.55
CA LEU A 7 20.44 4.46 3.34
C LEU A 7 19.95 5.89 3.50
N GLU A 8 20.70 6.84 2.95
CA GLU A 8 20.32 8.25 3.03
C GLU A 8 20.26 8.70 1.57
N VAL A 9 19.06 9.12 1.15
CA VAL A 9 18.81 9.49 -0.24
C VAL A 9 18.47 10.94 -0.50
N PRO A 10 19.29 11.66 -1.29
CA PRO A 10 18.97 13.06 -1.59
C PRO A 10 17.74 13.09 -2.50
N THR A 11 16.84 14.02 -2.25
CA THR A 11 15.63 14.13 -3.06
C THR A 11 15.38 15.57 -3.52
N PRO A 12 14.70 15.73 -4.66
CA PRO A 12 14.39 17.06 -5.20
C PRO A 12 13.13 17.58 -4.52
N GLU A 13 12.63 18.74 -4.94
CA GLU A 13 11.42 19.28 -4.32
C GLU A 13 10.35 18.20 -4.40
N GLU A 14 10.24 17.57 -5.56
CA GLU A 14 9.28 16.49 -5.75
C GLU A 14 9.71 15.65 -6.93
N GLY A 15 9.54 14.35 -6.81
CA GLY A 15 9.90 13.45 -7.88
C GLY A 15 10.13 12.03 -7.40
N PHE A 16 10.32 11.13 -8.37
CA PHE A 16 10.56 9.74 -8.09
C PHE A 16 12.06 9.48 -8.23
N VAL A 17 12.70 9.15 -7.13
CA VAL A 17 14.13 8.88 -7.13
C VAL A 17 14.34 7.38 -7.21
N ASN A 18 15.05 6.94 -8.25
CA ASN A 18 15.32 5.52 -8.47
C ASN A 18 16.38 5.05 -7.46
N ILE A 19 15.97 4.23 -6.50
CA ILE A 19 16.90 3.73 -5.48
C ILE A 19 17.16 2.24 -5.62
N THR A 20 16.83 1.67 -6.76
CA THR A 20 17.01 0.25 -7.00
C THR A 20 18.44 -0.20 -6.74
N ARG A 21 19.39 0.46 -7.37
CA ARG A 21 20.79 0.09 -7.23
C ARG A 21 21.34 0.35 -5.83
N LYS A 22 20.93 1.44 -5.20
CA LYS A 22 21.39 1.73 -3.84
C LYS A 22 20.88 0.69 -2.84
N VAL A 23 19.67 0.19 -3.06
CA VAL A 23 19.12 -0.85 -2.20
C VAL A 23 19.91 -2.12 -2.42
N GLU A 24 20.15 -2.46 -3.68
CA GLU A 24 20.89 -3.67 -4.03
C GLU A 24 22.30 -3.65 -3.45
N ALA A 25 22.91 -2.47 -3.42
CA ALA A 25 24.26 -2.33 -2.89
C ALA A 25 24.29 -2.63 -1.39
N ALA A 26 23.13 -2.53 -0.74
CA ALA A 26 23.06 -2.79 0.69
C ALA A 26 22.73 -4.26 1.00
N LEU A 27 22.45 -5.03 -0.04
CA LEU A 27 22.10 -6.44 0.14
C LEU A 27 23.24 -7.42 0.38
N SER A 28 24.46 -7.02 0.04
CA SER A 28 25.62 -7.90 0.23
C SER A 28 25.37 -9.30 -0.35
N GLY A 29 24.87 -9.36 -1.58
CA GLY A 29 24.61 -10.64 -2.21
C GLY A 29 23.52 -11.51 -1.60
N HIS A 30 22.68 -10.92 -0.76
CA HIS A 30 21.60 -11.66 -0.12
C HIS A 30 20.61 -12.29 -1.10
N THR A 31 20.06 -13.43 -0.71
CA THR A 31 19.05 -14.12 -1.48
C THR A 31 17.87 -14.33 -0.55
N GLY A 32 16.72 -13.75 -0.91
CA GLY A 32 15.54 -13.86 -0.06
C GLY A 32 14.77 -12.55 -0.10
N LEU A 33 13.75 -12.44 0.75
CA LEU A 33 12.95 -11.22 0.78
C LEU A 33 13.73 -10.06 1.39
N VAL A 34 13.40 -8.85 0.96
CA VAL A 34 14.03 -7.62 1.42
C VAL A 34 12.94 -6.65 1.85
N TYR A 35 13.07 -6.11 3.06
CA TYR A 35 12.10 -5.15 3.59
C TYR A 35 12.66 -3.74 3.45
N LEU A 36 11.81 -2.81 2.99
CA LEU A 36 12.20 -1.41 2.82
C LEU A 36 11.18 -0.54 3.55
N PHE A 37 11.66 0.51 4.20
CA PHE A 37 10.79 1.41 4.95
C PHE A 37 11.32 2.84 4.99
N VAL A 38 10.43 3.82 4.85
CA VAL A 38 10.85 5.21 4.99
C VAL A 38 10.20 5.70 6.29
N PRO A 39 11.03 6.14 7.25
CA PRO A 39 10.51 6.62 8.53
C PRO A 39 10.07 8.07 8.39
N HIS A 40 9.28 8.33 7.35
CA HIS A 40 8.81 9.68 7.05
C HIS A 40 7.31 9.70 6.75
N THR A 41 6.71 10.88 6.81
CA THR A 41 5.28 11.01 6.56
C THR A 41 4.93 11.86 5.34
N THR A 42 5.95 12.39 4.66
CA THR A 42 5.72 13.22 3.49
C THR A 42 6.43 12.76 2.22
N CYS A 43 6.73 11.45 2.17
CA CYS A 43 7.34 10.82 1.00
C CYS A 43 6.88 9.36 1.05
N GLY A 44 7.12 8.62 -0.03
CA GLY A 44 6.69 7.23 -0.03
C GLY A 44 7.62 6.32 -0.82
N LEU A 45 7.26 5.04 -0.87
CA LEU A 45 8.02 4.05 -1.61
C LEU A 45 7.06 3.35 -2.56
N THR A 46 7.50 3.16 -3.80
CA THR A 46 6.65 2.51 -4.79
C THR A 46 7.50 1.79 -5.82
N VAL A 47 6.88 0.84 -6.49
CA VAL A 47 7.54 0.10 -7.56
C VAL A 47 6.81 0.52 -8.83
N GLN A 48 7.51 1.16 -9.75
CA GLN A 48 6.89 1.61 -10.98
C GLN A 48 7.85 1.62 -12.16
N GLU A 49 7.41 2.16 -13.28
CA GLU A 49 8.23 2.18 -14.48
C GLU A 49 9.13 3.41 -14.60
N GLY A 50 10.40 3.17 -14.90
CA GLY A 50 11.34 4.26 -15.08
C GLY A 50 11.82 4.37 -16.51
N ALA A 51 11.72 3.27 -17.26
CA ALA A 51 12.19 3.24 -18.65
C ALA A 51 11.67 4.43 -19.44
N ASP A 52 10.39 4.73 -19.31
CA ASP A 52 9.82 5.90 -19.99
C ASP A 52 9.64 6.99 -18.94
N PRO A 53 10.42 8.09 -19.06
CA PRO A 53 10.36 9.21 -18.12
C PRO A 53 8.98 9.83 -17.93
N THR A 54 8.14 9.74 -18.96
CA THR A 54 6.81 10.33 -18.90
C THR A 54 5.88 9.63 -17.92
N VAL A 55 6.15 8.37 -17.61
CA VAL A 55 5.32 7.64 -16.66
C VAL A 55 5.38 8.37 -15.31
N ALA A 56 6.61 8.66 -14.85
CA ALA A 56 6.78 9.36 -13.59
C ALA A 56 6.16 10.75 -13.67
N GLN A 57 6.35 11.40 -14.81
CA GLN A 57 5.81 12.74 -15.02
C GLN A 57 4.29 12.76 -14.86
N ASP A 58 3.61 11.82 -15.52
CA ASP A 58 2.15 11.75 -15.41
C ASP A 58 1.70 11.36 -14.01
N LEU A 59 2.44 10.49 -13.34
CA LEU A 59 2.07 10.09 -11.99
C LEU A 59 2.06 11.29 -11.04
N LEU A 60 3.13 12.08 -11.09
CA LEU A 60 3.24 13.26 -10.24
C LEU A 60 2.18 14.30 -10.60
N GLY A 61 1.95 14.47 -11.90
CA GLY A 61 0.96 15.43 -12.35
C GLY A 61 -0.42 15.05 -11.87
N ARG A 62 -0.76 13.77 -12.00
CA ARG A 62 -2.07 13.29 -11.57
C ARG A 62 -2.21 13.31 -10.05
N LEU A 63 -1.13 12.98 -9.33
CA LEU A 63 -1.19 12.98 -7.87
C LEU A 63 -1.41 14.40 -7.35
N ALA A 64 -0.91 15.39 -8.08
CA ALA A 64 -1.09 16.78 -7.67
C ALA A 64 -2.55 17.18 -7.81
N GLU A 65 -3.23 16.59 -8.79
CA GLU A 65 -4.64 16.89 -9.01
C GLU A 65 -5.47 16.22 -7.92
N LEU A 66 -5.03 15.05 -7.47
CA LEU A 66 -5.74 14.33 -6.42
C LEU A 66 -5.43 14.94 -5.06
N ALA A 67 -4.22 15.45 -4.91
CA ALA A 67 -3.78 16.07 -3.66
C ALA A 67 -3.16 17.43 -3.91
N PRO A 68 -3.98 18.45 -4.21
CA PRO A 68 -3.43 19.78 -4.46
C PRO A 68 -2.80 20.40 -3.22
N ARG A 69 -1.75 21.18 -3.41
CA ARG A 69 -1.05 21.83 -2.31
C ARG A 69 -1.99 22.85 -1.67
N HIS A 70 -2.67 23.61 -2.53
CA HIS A 70 -3.60 24.65 -2.11
C HIS A 70 -4.97 24.09 -1.76
N ARG A 71 -5.30 24.14 -0.47
CA ARG A 71 -6.60 23.67 0.00
C ARG A 71 -6.96 24.54 1.20
N PRO A 72 -7.85 25.52 1.00
CA PRO A 72 -8.27 26.41 2.09
C PRO A 72 -8.84 25.70 3.30
N GLN A 73 -9.48 24.56 3.08
CA GLN A 73 -10.06 23.80 4.17
C GLN A 73 -9.02 23.10 5.05
N ASP A 74 -7.79 22.99 4.57
CA ASP A 74 -6.74 22.36 5.35
C ASP A 74 -6.62 23.02 6.72
N ARG A 75 -6.39 22.21 7.74
CA ARG A 75 -6.25 22.71 9.10
C ARG A 75 -4.77 22.68 9.50
N HIS A 76 -4.00 21.90 8.75
CA HIS A 76 -2.57 21.77 8.99
C HIS A 76 -1.87 22.99 8.39
N LEU A 77 -1.64 23.99 9.24
CA LEU A 77 -1.03 25.26 8.87
C LEU A 77 0.26 25.16 8.05
N GLU A 78 1.13 24.23 8.46
CA GLU A 78 2.42 24.01 7.79
C GLU A 78 2.29 23.93 6.27
N GLY A 79 1.10 23.59 5.79
CA GLY A 79 0.86 23.52 4.36
C GLY A 79 1.34 22.31 3.58
N ASN A 80 1.69 21.23 4.27
CA ASN A 80 2.14 20.04 3.55
C ASN A 80 1.17 18.86 3.64
N SER A 81 -0.10 19.14 3.95
CA SER A 81 -1.07 18.06 4.03
C SER A 81 -1.15 17.30 2.72
N HIS A 82 -0.95 18.00 1.60
CA HIS A 82 -0.98 17.38 0.28
C HIS A 82 0.06 16.26 0.21
N ALA A 83 1.22 16.48 0.81
CA ALA A 83 2.30 15.50 0.81
C ALA A 83 2.00 14.36 1.78
N HIS A 84 1.30 14.66 2.86
CA HIS A 84 0.94 13.63 3.82
C HIS A 84 -0.02 12.67 3.12
N LEU A 85 -0.95 13.23 2.34
CA LEU A 85 -1.90 12.40 1.63
C LEU A 85 -1.22 11.56 0.54
N LYS A 86 -0.33 12.16 -0.23
CA LYS A 86 0.34 11.41 -1.28
C LYS A 86 1.12 10.25 -0.67
N SER A 87 1.68 10.48 0.50
CA SER A 87 2.44 9.46 1.22
C SER A 87 1.52 8.32 1.65
N LEU A 88 0.37 8.67 2.22
CA LEU A 88 -0.61 7.67 2.65
C LEU A 88 -1.08 6.84 1.48
N LEU A 89 -1.31 7.49 0.35
CA LEU A 89 -1.79 6.82 -0.85
C LEU A 89 -0.74 5.92 -1.50
N THR A 90 0.51 6.34 -1.43
CA THR A 90 1.59 5.58 -2.04
C THR A 90 2.02 4.43 -1.15
N GLY A 91 2.19 4.71 0.14
CA GLY A 91 2.63 3.70 1.07
C GLY A 91 4.05 4.00 1.48
N VAL A 92 4.47 3.54 2.66
CA VAL A 92 5.82 3.81 3.15
C VAL A 92 6.70 2.58 3.34
N HIS A 93 6.29 1.44 2.80
CA HIS A 93 7.10 0.24 2.91
C HIS A 93 6.92 -0.67 1.71
N LEU A 94 7.93 -1.51 1.48
CA LEU A 94 7.91 -2.44 0.37
C LEU A 94 8.53 -3.74 0.86
N LEU A 95 8.20 -4.83 0.18
CA LEU A 95 8.74 -6.14 0.49
C LEU A 95 9.03 -6.72 -0.88
N LEU A 96 10.31 -6.97 -1.15
CA LEU A 96 10.71 -7.46 -2.46
C LEU A 96 11.65 -8.66 -2.40
N LEU A 97 11.66 -9.42 -3.50
CA LEU A 97 12.50 -10.61 -3.63
C LEU A 97 13.88 -10.21 -4.16
N ALA A 98 14.92 -10.86 -3.64
CA ALA A 98 16.27 -10.60 -4.09
C ALA A 98 16.96 -11.92 -4.33
N GLU A 99 17.85 -11.95 -5.32
CA GLU A 99 18.60 -13.15 -5.63
C GLU A 99 20.06 -12.76 -5.81
N LYS A 100 20.90 -13.25 -4.90
CA LYS A 100 22.32 -12.97 -4.93
C LYS A 100 22.64 -11.48 -5.05
N GLY A 101 21.98 -10.68 -4.21
CA GLY A 101 22.22 -9.25 -4.20
C GLY A 101 21.47 -8.42 -5.22
N ARG A 102 20.65 -9.06 -6.04
CA ARG A 102 19.88 -8.33 -7.04
C ARG A 102 18.39 -8.51 -6.86
N LEU A 103 17.66 -7.39 -6.90
CA LEU A 103 16.21 -7.43 -6.75
C LEU A 103 15.56 -8.09 -7.96
N ARG A 104 14.60 -8.98 -7.69
CA ARG A 104 13.87 -9.68 -8.74
C ARG A 104 12.65 -8.84 -9.08
N LEU A 105 12.67 -8.20 -10.24
CA LEU A 105 11.59 -7.32 -10.65
C LEU A 105 11.13 -7.60 -12.08
N GLY A 106 9.97 -7.05 -12.42
CA GLY A 106 9.44 -7.22 -13.77
C GLY A 106 10.31 -6.45 -14.74
N ARG A 107 10.11 -6.69 -16.03
CA ARG A 107 10.90 -6.05 -17.06
C ARG A 107 10.82 -4.51 -17.07
N TRP A 108 9.73 -3.96 -16.56
CA TRP A 108 9.57 -2.51 -16.54
C TRP A 108 9.44 -1.91 -15.15
N GLN A 109 9.98 -2.60 -14.15
CA GLN A 109 9.89 -2.12 -12.77
C GLN A 109 11.21 -1.63 -12.17
N GLN A 110 11.10 -0.59 -11.35
CA GLN A 110 12.23 -0.01 -10.64
C GLN A 110 11.70 0.43 -9.28
N VAL A 111 12.56 0.46 -8.27
CA VAL A 111 12.15 0.87 -6.94
C VAL A 111 12.37 2.37 -6.79
N PHE A 112 11.32 3.10 -6.42
CA PHE A 112 11.39 4.54 -6.28
C PHE A 112 11.07 5.10 -4.91
N LEU A 113 11.81 6.14 -4.53
CA LEU A 113 11.53 6.85 -3.30
C LEU A 113 10.71 8.01 -3.86
N ALA A 114 9.42 8.04 -3.55
CA ALA A 114 8.54 9.09 -4.05
C ALA A 114 8.55 10.30 -3.12
N GLU A 115 9.29 11.34 -3.51
CA GLU A 115 9.38 12.56 -2.71
C GLU A 115 8.28 13.55 -3.06
N PHE A 116 7.51 13.96 -2.05
CA PHE A 116 6.43 14.91 -2.27
C PHE A 116 6.65 16.24 -1.53
N ASP A 117 7.70 16.30 -0.70
CA ASP A 117 7.97 17.52 0.04
C ASP A 117 9.46 17.76 0.30
N GLY A 118 10.24 17.83 -0.78
CA GLY A 118 11.66 18.06 -0.65
C GLY A 118 12.03 19.50 -0.97
N PRO A 119 13.30 19.77 -1.29
CA PRO A 119 14.37 18.77 -1.37
C PRO A 119 14.84 18.41 0.04
N ARG A 120 15.19 17.15 0.23
CA ARG A 120 15.67 16.69 1.54
C ARG A 120 16.68 15.57 1.33
N VAL A 121 17.09 14.98 2.45
CA VAL A 121 17.97 13.82 2.43
C VAL A 121 17.16 12.88 3.30
N ARG A 122 16.44 11.98 2.64
CA ARG A 122 15.58 11.02 3.31
C ARG A 122 16.33 9.77 3.74
N GLU A 123 15.72 9.04 4.66
CA GLU A 123 16.28 7.78 5.14
C GLU A 123 15.42 6.65 4.59
N VAL A 124 16.07 5.55 4.23
CA VAL A 124 15.38 4.37 3.75
C VAL A 124 16.04 3.22 4.49
N TRP A 125 15.26 2.49 5.27
CA TRP A 125 15.80 1.36 6.02
C TRP A 125 15.67 0.07 5.21
N VAL A 126 16.70 -0.76 5.28
CA VAL A 126 16.72 -2.01 4.54
C VAL A 126 16.96 -3.16 5.50
N ARG A 127 16.05 -4.13 5.47
CA ARG A 127 16.13 -5.31 6.32
C ARG A 127 16.03 -6.57 5.48
N LEU A 128 16.98 -7.48 5.66
CA LEU A 128 16.97 -8.73 4.93
C LEU A 128 16.25 -9.78 5.78
N LEU A 129 15.33 -10.51 5.17
CA LEU A 129 14.61 -11.56 5.86
C LEU A 129 15.28 -12.89 5.54
N GLY B 3 12.78 -20.26 -6.05
CA GLY B 3 12.25 -20.13 -4.67
C GLY B 3 10.84 -19.55 -4.62
N VAL B 4 10.25 -19.32 -5.78
CA VAL B 4 8.90 -18.77 -5.84
C VAL B 4 8.04 -19.54 -6.83
N VAL B 5 6.74 -19.58 -6.56
CA VAL B 5 5.79 -20.25 -7.43
C VAL B 5 5.10 -19.17 -8.24
N ARG B 6 4.94 -19.41 -9.54
CA ARG B 6 4.31 -18.44 -10.41
C ARG B 6 2.92 -18.84 -10.87
N LEU B 7 1.97 -17.93 -10.72
CA LEU B 7 0.60 -18.16 -11.13
C LEU B 7 0.38 -17.36 -12.41
N GLU B 8 -0.33 -17.94 -13.37
CA GLU B 8 -0.61 -17.25 -14.62
C GLU B 8 -2.08 -16.85 -14.49
N VAL B 9 -2.33 -15.55 -14.34
CA VAL B 9 -3.70 -15.07 -14.15
C VAL B 9 -4.28 -14.33 -15.34
N PRO B 10 -5.37 -14.84 -15.93
CA PRO B 10 -6.02 -14.22 -17.08
C PRO B 10 -6.83 -13.01 -16.59
N THR B 11 -6.83 -11.93 -17.35
CA THR B 11 -7.55 -10.73 -16.93
C THR B 11 -8.35 -10.10 -18.07
N PRO B 12 -9.35 -9.28 -17.71
CA PRO B 12 -10.19 -8.59 -18.71
C PRO B 12 -9.56 -7.21 -18.93
N GLU B 13 -10.21 -6.35 -19.71
CA GLU B 13 -9.66 -5.01 -19.94
C GLU B 13 -9.36 -4.35 -18.60
N GLU B 14 -10.27 -4.51 -17.65
CA GLU B 14 -10.09 -3.99 -16.31
C GLU B 14 -11.04 -4.73 -15.37
N GLY B 15 -10.57 -5.03 -14.17
CA GLY B 15 -11.42 -5.72 -13.22
C GLY B 15 -10.67 -6.36 -12.07
N PHE B 16 -11.41 -6.73 -11.03
CA PHE B 16 -10.83 -7.38 -9.88
C PHE B 16 -10.92 -8.89 -10.06
N VAL B 17 -9.79 -9.50 -10.36
CA VAL B 17 -9.71 -10.95 -10.58
C VAL B 17 -9.41 -11.65 -9.26
N ASN B 18 -10.36 -12.47 -8.82
CA ASN B 18 -10.21 -13.20 -7.56
C ASN B 18 -9.19 -14.32 -7.73
N ILE B 19 -8.07 -14.22 -7.02
CA ILE B 19 -7.02 -15.24 -7.11
C ILE B 19 -6.85 -15.99 -5.79
N THR B 20 -7.84 -15.89 -4.91
CA THR B 20 -7.80 -16.55 -3.60
C THR B 20 -7.60 -18.06 -3.72
N ARG B 21 -8.40 -18.71 -4.55
CA ARG B 21 -8.30 -20.15 -4.73
C ARG B 21 -7.02 -20.57 -5.47
N LYS B 22 -6.59 -19.77 -6.43
CA LYS B 22 -5.38 -20.08 -7.17
C LYS B 22 -4.17 -20.04 -6.23
N VAL B 23 -4.14 -19.07 -5.34
CA VAL B 23 -3.05 -18.95 -4.37
C VAL B 23 -3.07 -20.12 -3.39
N GLU B 24 -4.25 -20.45 -2.90
CA GLU B 24 -4.37 -21.54 -1.95
C GLU B 24 -3.98 -22.89 -2.52
N ALA B 25 -4.28 -23.11 -3.80
CA ALA B 25 -3.93 -24.38 -4.44
C ALA B 25 -2.42 -24.54 -4.46
N ALA B 26 -1.72 -23.43 -4.67
CA ALA B 26 -0.27 -23.43 -4.73
C ALA B 26 0.38 -23.57 -3.35
N LEU B 27 -0.42 -23.38 -2.30
CA LEU B 27 0.08 -23.48 -0.93
C LEU B 27 0.19 -24.92 -0.45
N SER B 28 -0.61 -25.80 -1.04
CA SER B 28 -0.63 -27.22 -0.69
C SER B 28 -0.63 -27.50 0.81
N GLY B 29 -1.46 -26.78 1.56
CA GLY B 29 -1.55 -26.98 2.99
C GLY B 29 -0.60 -26.20 3.87
N HIS B 30 0.15 -25.28 3.27
CA HIS B 30 1.11 -24.49 4.03
C HIS B 30 0.53 -23.64 5.16
N THR B 31 1.30 -23.51 6.23
CA THR B 31 0.95 -22.69 7.39
C THR B 31 2.09 -21.69 7.56
N GLY B 32 1.73 -20.41 7.66
CA GLY B 32 2.73 -19.36 7.81
C GLY B 32 2.42 -18.18 6.91
N LEU B 33 3.30 -17.18 6.90
CA LEU B 33 3.10 -16.00 6.06
C LEU B 33 3.40 -16.30 4.59
N VAL B 34 2.62 -15.70 3.71
CA VAL B 34 2.75 -15.88 2.27
C VAL B 34 2.92 -14.54 1.57
N TYR B 35 3.94 -14.44 0.73
CA TYR B 35 4.23 -13.21 -0.03
C TYR B 35 3.71 -13.31 -1.47
N LEU B 36 3.01 -12.26 -1.92
CA LEU B 36 2.47 -12.20 -3.27
C LEU B 36 2.96 -10.91 -3.93
N PHE B 37 3.33 -11.01 -5.21
CA PHE B 37 3.88 -9.86 -5.93
C PHE B 37 3.55 -9.92 -7.43
N VAL B 38 3.16 -8.79 -8.01
CA VAL B 38 2.90 -8.76 -9.45
C VAL B 38 4.04 -7.98 -10.07
N PRO B 39 4.78 -8.61 -11.00
CA PRO B 39 5.91 -7.98 -11.67
C PRO B 39 5.41 -7.09 -12.81
N HIS B 40 4.42 -6.26 -12.51
CA HIS B 40 3.82 -5.40 -13.53
C HIS B 40 3.59 -4.02 -12.96
N THR B 41 3.47 -3.02 -13.85
CA THR B 41 3.27 -1.65 -13.42
C THR B 41 1.88 -1.08 -13.75
N THR B 42 1.03 -1.87 -14.41
CA THR B 42 -0.30 -1.38 -14.75
C THR B 42 -1.43 -2.23 -14.18
N CYS B 43 -1.11 -3.00 -13.14
CA CYS B 43 -2.11 -3.81 -12.45
C CYS B 43 -1.64 -3.84 -11.01
N GLY B 44 -2.47 -4.33 -10.09
CA GLY B 44 -2.07 -4.37 -8.70
C GLY B 44 -2.62 -5.54 -7.92
N LEU B 45 -2.32 -5.55 -6.62
CA LEU B 45 -2.79 -6.59 -5.72
C LEU B 45 -3.48 -5.94 -4.52
N THR B 46 -4.65 -6.46 -4.17
CA THR B 46 -5.42 -5.91 -3.05
C THR B 46 -6.35 -6.96 -2.43
N VAL B 47 -6.77 -6.69 -1.20
CA VAL B 47 -7.69 -7.56 -0.49
C VAL B 47 -8.96 -6.74 -0.31
N GLN B 48 -10.08 -7.27 -0.80
CA GLN B 48 -11.36 -6.57 -0.69
C GLN B 48 -12.54 -7.54 -0.68
N GLU B 49 -13.75 -7.00 -0.59
CA GLU B 49 -14.93 -7.85 -0.57
C GLU B 49 -15.18 -8.45 -1.95
N GLY B 50 -15.40 -9.76 -2.02
CA GLY B 50 -15.62 -10.40 -3.31
C GLY B 50 -16.98 -10.93 -3.68
N ALA B 51 -17.66 -11.61 -2.76
CA ALA B 51 -18.97 -12.21 -3.02
C ALA B 51 -20.00 -11.27 -3.65
N ASP B 52 -19.89 -9.97 -3.36
CA ASP B 52 -20.80 -8.96 -3.90
C ASP B 52 -20.17 -8.28 -5.11
N PRO B 53 -20.66 -8.59 -6.32
CA PRO B 53 -20.12 -8.00 -7.54
C PRO B 53 -20.12 -6.47 -7.58
N THR B 54 -21.10 -5.84 -6.93
CA THR B 54 -21.20 -4.39 -6.94
C THR B 54 -20.06 -3.64 -6.26
N VAL B 55 -19.38 -4.29 -5.32
CA VAL B 55 -18.27 -3.63 -4.63
C VAL B 55 -17.17 -3.36 -5.64
N ALA B 56 -16.74 -4.39 -6.36
CA ALA B 56 -15.69 -4.26 -7.36
C ALA B 56 -16.12 -3.27 -8.45
N GLN B 57 -17.39 -3.31 -8.82
CA GLN B 57 -17.87 -2.39 -9.86
C GLN B 57 -17.69 -0.94 -9.41
N ASP B 58 -18.12 -0.63 -8.18
CA ASP B 58 -17.97 0.73 -7.67
C ASP B 58 -16.51 1.10 -7.47
N LEU B 59 -15.68 0.13 -7.09
CA LEU B 59 -14.26 0.41 -6.91
C LEU B 59 -13.64 0.82 -8.25
N LEU B 60 -13.93 0.06 -9.29
CA LEU B 60 -13.41 0.36 -10.63
C LEU B 60 -13.98 1.67 -11.15
N GLY B 61 -15.26 1.90 -10.89
CA GLY B 61 -15.90 3.11 -11.36
C GLY B 61 -15.30 4.35 -10.74
N ARG B 62 -15.11 4.32 -9.43
CA ARG B 62 -14.55 5.46 -8.73
C ARG B 62 -13.07 5.64 -9.08
N LEU B 63 -12.34 4.54 -9.24
CA LEU B 63 -10.92 4.67 -9.59
C LEU B 63 -10.79 5.31 -10.97
N ALA B 64 -11.71 5.00 -11.87
CA ALA B 64 -11.66 5.58 -13.21
C ALA B 64 -11.91 7.09 -13.13
N GLU B 65 -12.73 7.51 -12.17
CA GLU B 65 -13.02 8.93 -11.98
C GLU B 65 -11.80 9.63 -11.39
N LEU B 66 -11.09 8.94 -10.50
CA LEU B 66 -9.89 9.50 -9.89
C LEU B 66 -8.73 9.49 -10.87
N ALA B 67 -8.72 8.48 -11.75
CA ALA B 67 -7.65 8.34 -12.73
C ALA B 67 -8.23 8.14 -14.12
N PRO B 68 -8.73 9.22 -14.74
CA PRO B 68 -9.33 9.20 -16.08
C PRO B 68 -8.36 8.67 -17.14
N ARG B 69 -8.89 7.87 -18.07
CA ARG B 69 -8.08 7.32 -19.15
C ARG B 69 -7.55 8.39 -20.08
N HIS B 70 -8.41 9.34 -20.43
CA HIS B 70 -8.03 10.39 -21.36
C HIS B 70 -7.82 11.73 -20.65
N ARG B 71 -6.56 12.03 -20.36
CA ARG B 71 -6.16 13.26 -19.68
C ARG B 71 -5.29 14.05 -20.65
N PRO B 72 -5.74 15.25 -21.07
CA PRO B 72 -4.97 16.07 -22.01
C PRO B 72 -3.50 16.30 -21.62
N GLN B 73 -3.26 16.56 -20.35
CA GLN B 73 -1.91 16.83 -19.86
C GLN B 73 -0.95 15.65 -19.81
N ASP B 74 -1.45 14.45 -20.04
CA ASP B 74 -0.61 13.25 -20.03
C ASP B 74 0.48 13.36 -21.09
N ARG B 75 1.70 12.95 -20.73
CA ARG B 75 2.82 12.99 -21.66
C ARG B 75 3.18 11.58 -22.11
N HIS B 76 2.70 10.59 -21.35
CA HIS B 76 2.93 9.18 -21.67
C HIS B 76 1.98 8.84 -22.82
N LEU B 77 2.49 8.97 -24.04
CA LEU B 77 1.71 8.75 -25.26
C LEU B 77 1.05 7.40 -25.42
N GLU B 78 1.61 6.37 -24.78
CA GLU B 78 1.06 5.03 -24.86
C GLU B 78 -0.38 5.06 -24.34
N GLY B 79 -0.67 6.05 -23.50
CA GLY B 79 -2.00 6.24 -22.97
C GLY B 79 -2.46 5.44 -21.76
N ASN B 80 -1.56 4.72 -21.10
CA ASN B 80 -1.98 3.96 -19.94
C ASN B 80 -1.52 4.53 -18.61
N SER B 81 -1.25 5.84 -18.55
CA SER B 81 -0.82 6.42 -17.29
C SER B 81 -1.91 6.24 -16.23
N HIS B 82 -3.16 6.17 -16.66
CA HIS B 82 -4.25 5.98 -15.71
C HIS B 82 -4.04 4.67 -14.98
N ALA B 83 -3.57 3.66 -15.71
CA ALA B 83 -3.33 2.33 -15.17
C ALA B 83 -2.11 2.34 -14.25
N HIS B 84 -1.09 3.11 -14.61
CA HIS B 84 0.10 3.21 -13.78
C HIS B 84 -0.30 3.84 -12.44
N LEU B 85 -1.15 4.86 -12.50
CA LEU B 85 -1.59 5.52 -11.26
C LEU B 85 -2.41 4.58 -10.40
N LYS B 86 -3.37 3.87 -11.00
CA LYS B 86 -4.19 2.94 -10.23
C LYS B 86 -3.30 1.87 -9.59
N SER B 87 -2.27 1.44 -10.32
CA SER B 87 -1.34 0.44 -9.78
C SER B 87 -0.62 0.99 -8.54
N LEU B 88 -0.10 2.21 -8.66
CA LEU B 88 0.62 2.84 -7.54
C LEU B 88 -0.29 3.02 -6.32
N LEU B 89 -1.54 3.40 -6.56
CA LEU B 89 -2.50 3.60 -5.49
C LEU B 89 -2.91 2.31 -4.80
N THR B 90 -2.95 1.22 -5.56
CA THR B 90 -3.35 -0.08 -4.99
C THR B 90 -2.16 -0.78 -4.34
N GLY B 91 -1.03 -0.81 -5.04
CA GLY B 91 0.14 -1.49 -4.52
C GLY B 91 0.38 -2.74 -5.34
N VAL B 92 1.61 -3.26 -5.33
CA VAL B 92 1.91 -4.45 -6.13
C VAL B 92 2.34 -5.68 -5.33
N HIS B 93 2.15 -5.66 -4.02
CA HIS B 93 2.53 -6.81 -3.20
C HIS B 93 1.62 -6.98 -2.00
N LEU B 94 1.55 -8.20 -1.49
CA LEU B 94 0.75 -8.49 -0.32
C LEU B 94 1.49 -9.46 0.57
N LEU B 95 1.18 -9.43 1.86
CA LEU B 95 1.76 -10.34 2.82
C LEU B 95 0.55 -10.82 3.59
N LEU B 96 0.26 -12.12 3.49
CA LEU B 96 -0.91 -12.69 4.14
C LEU B 96 -0.58 -13.91 4.97
N LEU B 97 -1.41 -14.18 5.96
CA LEU B 97 -1.22 -15.35 6.81
C LEU B 97 -2.00 -16.52 6.23
N ALA B 98 -1.40 -17.71 6.27
CA ALA B 98 -2.04 -18.91 5.76
C ALA B 98 -2.06 -19.92 6.89
N GLU B 99 -3.14 -20.69 6.99
CA GLU B 99 -3.24 -21.71 8.02
C GLU B 99 -3.68 -23.00 7.37
N LYS B 100 -2.81 -23.99 7.41
CA LYS B 100 -3.09 -25.30 6.83
C LYS B 100 -3.56 -25.18 5.38
N GLY B 101 -2.90 -24.31 4.62
CA GLY B 101 -3.23 -24.14 3.22
C GLY B 101 -4.33 -23.17 2.86
N ARG B 102 -4.94 -22.56 3.87
CA ARG B 102 -6.01 -21.60 3.63
C ARG B 102 -5.60 -20.20 4.07
N LEU B 103 -5.83 -19.22 3.21
CA LEU B 103 -5.48 -17.85 3.55
C LEU B 103 -6.38 -17.37 4.69
N ARG B 104 -5.77 -16.80 5.73
CA ARG B 104 -6.52 -16.29 6.88
C ARG B 104 -7.04 -14.91 6.51
N LEU B 105 -8.35 -14.81 6.29
CA LEU B 105 -8.97 -13.56 5.89
C LEU B 105 -10.28 -13.32 6.63
N GLY B 106 -10.77 -12.09 6.58
CA GLY B 106 -12.04 -11.78 7.20
C GLY B 106 -13.06 -12.57 6.40
N ARG B 107 -14.25 -12.79 6.95
CA ARG B 107 -15.26 -13.57 6.24
C ARG B 107 -15.72 -12.99 4.92
N TRP B 108 -15.50 -11.69 4.70
CA TRP B 108 -15.92 -11.08 3.45
C TRP B 108 -14.77 -10.54 2.61
N GLN B 109 -13.55 -11.01 2.90
CA GLN B 109 -12.37 -10.58 2.17
C GLN B 109 -11.93 -11.65 1.18
N GLN B 110 -11.43 -11.21 0.04
CA GLN B 110 -10.90 -12.10 -0.98
C GLN B 110 -9.66 -11.42 -1.52
N VAL B 111 -8.75 -12.19 -2.12
CA VAL B 111 -7.53 -11.62 -2.68
C VAL B 111 -7.73 -11.38 -4.18
N PHE B 112 -7.42 -10.18 -4.62
CA PHE B 112 -7.60 -9.80 -6.02
C PHE B 112 -6.39 -9.29 -6.77
N LEU B 113 -6.28 -9.68 -8.03
CA LEU B 113 -5.25 -9.13 -8.87
C LEU B 113 -6.12 -8.05 -9.51
N ALA B 114 -5.77 -6.79 -9.29
CA ALA B 114 -6.55 -5.69 -9.84
C ALA B 114 -5.95 -5.30 -11.18
N GLU B 115 -6.66 -5.67 -12.26
CA GLU B 115 -6.21 -5.36 -13.61
C GLU B 115 -6.75 -4.01 -14.07
N PHE B 116 -5.86 -3.15 -14.53
CA PHE B 116 -6.26 -1.82 -14.99
C PHE B 116 -5.92 -1.59 -16.46
N ASP B 117 -5.23 -2.56 -17.07
CA ASP B 117 -4.78 -2.40 -18.45
C ASP B 117 -4.69 -3.75 -19.20
N GLY B 118 -5.80 -4.48 -19.24
CA GLY B 118 -5.81 -5.76 -19.92
C GLY B 118 -6.46 -5.65 -21.29
N PRO B 119 -6.97 -6.74 -21.86
CA PRO B 119 -6.95 -8.10 -21.28
C PRO B 119 -5.61 -8.78 -21.59
N ARG B 120 -5.13 -9.58 -20.65
CA ARG B 120 -3.84 -10.24 -20.86
C ARG B 120 -3.63 -11.28 -19.77
N VAL B 121 -2.45 -11.88 -19.73
CA VAL B 121 -2.15 -12.84 -18.68
C VAL B 121 -1.09 -12.19 -17.82
N ARG B 122 -1.36 -12.13 -16.52
CA ARG B 122 -0.43 -11.53 -15.57
C ARG B 122 0.17 -12.63 -14.73
N GLU B 123 1.37 -12.39 -14.23
CA GLU B 123 2.00 -13.37 -13.37
C GLU B 123 1.86 -12.87 -11.95
N VAL B 124 1.73 -13.81 -11.02
CA VAL B 124 1.67 -13.46 -9.61
C VAL B 124 2.70 -14.38 -8.98
N TRP B 125 3.71 -13.77 -8.36
CA TRP B 125 4.75 -14.55 -7.71
C TRP B 125 4.33 -14.86 -6.28
N VAL B 126 4.50 -16.11 -5.89
CA VAL B 126 4.13 -16.56 -4.56
C VAL B 126 5.38 -17.11 -3.85
N ARG B 127 5.60 -16.67 -2.63
CA ARG B 127 6.74 -17.15 -1.87
C ARG B 127 6.36 -17.40 -0.41
N LEU B 128 6.75 -18.56 0.11
CA LEU B 128 6.47 -18.91 1.48
C LEU B 128 7.64 -18.39 2.32
N LEU B 129 7.34 -17.58 3.34
CA LEU B 129 8.38 -17.03 4.20
C LEU B 129 8.97 -18.10 5.11
N VAL C 4 -0.88 -15.77 16.03
CA VAL C 4 -1.31 -14.35 15.89
C VAL C 4 -2.04 -13.82 17.12
N VAL C 5 -1.74 -12.58 17.50
CA VAL C 5 -2.37 -11.93 18.63
C VAL C 5 -3.50 -11.05 18.07
N ARG C 6 -4.70 -11.17 18.62
CA ARG C 6 -5.84 -10.37 18.17
C ARG C 6 -6.07 -9.16 19.08
N LEU C 7 -6.08 -7.97 18.48
CA LEU C 7 -6.33 -6.76 19.24
C LEU C 7 -7.76 -6.33 18.92
N GLU C 8 -8.42 -5.71 19.89
CA GLU C 8 -9.78 -5.22 19.72
C GLU C 8 -9.70 -3.71 19.76
N VAL C 9 -10.12 -3.05 18.68
CA VAL C 9 -10.03 -1.61 18.62
C VAL C 9 -11.35 -0.90 18.33
N PRO C 10 -11.93 -0.23 19.34
CA PRO C 10 -13.19 0.48 19.10
C PRO C 10 -12.88 1.67 18.22
N THR C 11 -13.77 1.96 17.28
CA THR C 11 -13.57 3.06 16.35
C THR C 11 -14.78 3.98 16.24
N PRO C 12 -14.55 5.23 15.80
CA PRO C 12 -15.64 6.19 15.63
C PRO C 12 -16.25 5.99 14.25
N GLU C 13 -17.24 6.81 13.88
CA GLU C 13 -17.84 6.66 12.56
C GLU C 13 -16.77 6.72 11.49
N GLU C 14 -15.82 7.62 11.68
CA GLU C 14 -14.72 7.83 10.75
C GLU C 14 -13.57 8.49 11.50
N GLY C 15 -12.35 8.01 11.27
CA GLY C 15 -11.22 8.61 11.94
C GLY C 15 -9.99 7.72 12.03
N PHE C 16 -8.85 8.33 12.37
CA PHE C 16 -7.61 7.60 12.51
C PHE C 16 -7.38 7.29 13.98
N VAL C 17 -7.51 6.02 14.33
CA VAL C 17 -7.32 5.58 15.71
C VAL C 17 -5.87 5.16 15.90
N ASN C 18 -5.18 5.81 16.83
CA ASN C 18 -3.78 5.49 17.10
C ASN C 18 -3.72 4.17 17.86
N ILE C 19 -3.09 3.16 17.27
CA ILE C 19 -2.98 1.86 17.91
C ILE C 19 -1.52 1.50 18.21
N THR C 20 -0.64 2.50 18.15
CA THR C 20 0.78 2.29 18.40
C THR C 20 1.07 1.58 19.72
N ARG C 21 0.53 2.10 20.82
CA ARG C 21 0.76 1.49 22.13
C ARG C 21 0.11 0.14 22.34
N LYS C 22 -1.07 -0.08 21.76
CA LYS C 22 -1.74 -1.36 21.90
C LYS C 22 -0.94 -2.44 21.18
N VAL C 23 -0.31 -2.07 20.07
CA VAL C 23 0.49 -3.03 19.32
C VAL C 23 1.77 -3.35 20.08
N GLU C 24 2.46 -2.31 20.54
CA GLU C 24 3.70 -2.50 21.27
C GLU C 24 3.47 -3.35 22.52
N ALA C 25 2.26 -3.26 23.07
CA ALA C 25 1.91 -4.01 24.28
C ALA C 25 1.85 -5.51 23.98
N ALA C 26 1.86 -5.86 22.70
CA ALA C 26 1.79 -7.27 22.30
C ALA C 26 3.12 -7.76 21.74
N LEU C 27 4.16 -6.93 21.80
CA LEU C 27 5.46 -7.31 21.25
C LEU C 27 6.38 -8.14 22.13
N SER C 28 6.18 -8.08 23.45
CA SER C 28 6.99 -8.86 24.38
C SER C 28 8.51 -8.74 24.13
N GLY C 29 9.02 -7.51 24.12
CA GLY C 29 10.44 -7.27 23.92
C GLY C 29 11.02 -7.63 22.56
N HIS C 30 10.15 -7.93 21.61
CA HIS C 30 10.57 -8.33 20.27
C HIS C 30 11.41 -7.32 19.50
N THR C 31 12.51 -7.81 18.92
CA THR C 31 13.38 -7.00 18.07
C THR C 31 13.36 -7.73 16.73
N GLY C 32 12.70 -7.13 15.75
CA GLY C 32 12.61 -7.72 14.43
C GLY C 32 11.40 -7.15 13.74
N LEU C 33 10.78 -7.93 12.86
CA LEU C 33 9.61 -7.46 12.11
C LEU C 33 8.28 -7.75 12.80
N VAL C 34 7.30 -6.91 12.49
CA VAL C 34 5.96 -7.05 13.07
C VAL C 34 4.95 -6.91 11.93
N TYR C 35 4.09 -7.92 11.80
CA TYR C 35 3.07 -7.95 10.76
C TYR C 35 1.73 -7.53 11.36
N LEU C 36 1.01 -6.65 10.66
CA LEU C 36 -0.28 -6.18 11.13
C LEU C 36 -1.29 -6.38 10.00
N PHE C 37 -2.49 -6.82 10.35
CA PHE C 37 -3.52 -7.04 9.35
C PHE C 37 -4.92 -6.80 9.90
N VAL C 38 -5.77 -6.18 9.10
CA VAL C 38 -7.15 -5.96 9.51
C VAL C 38 -8.02 -6.81 8.58
N PRO C 39 -8.77 -7.75 9.14
CA PRO C 39 -9.64 -8.64 8.38
C PRO C 39 -10.97 -7.96 8.09
N HIS C 40 -10.89 -6.73 7.56
CA HIS C 40 -12.07 -5.93 7.26
C HIS C 40 -11.92 -5.28 5.89
N THR C 41 -13.04 -4.93 5.27
CA THR C 41 -13.01 -4.33 3.94
C THR C 41 -13.35 -2.85 3.89
N THR C 42 -13.78 -2.27 5.01
CA THR C 42 -14.13 -0.85 5.04
C THR C 42 -13.32 -0.01 6.03
N CYS C 43 -12.10 -0.47 6.31
CA CYS C 43 -11.17 0.25 7.18
C CYS C 43 -9.79 -0.20 6.74
N GLY C 44 -8.76 0.55 7.12
CA GLY C 44 -7.42 0.18 6.70
C GLY C 44 -6.38 0.43 7.76
N LEU C 45 -5.11 0.26 7.39
CA LEU C 45 -4.00 0.49 8.30
C LEU C 45 -3.02 1.40 7.60
N THR C 46 -2.44 2.33 8.34
CA THR C 46 -1.49 3.26 7.76
C THR C 46 -0.56 3.81 8.82
N VAL C 47 0.58 4.32 8.37
CA VAL C 47 1.56 4.93 9.25
C VAL C 47 1.55 6.40 8.85
N GLN C 48 1.25 7.29 9.80
CA GLN C 48 1.20 8.71 9.52
C GLN C 48 1.46 9.53 10.78
N GLU C 49 1.48 10.85 10.65
CA GLU C 49 1.74 11.72 11.79
C GLU C 49 0.55 11.89 12.72
N GLY C 50 0.83 11.81 14.02
CA GLY C 50 -0.22 11.96 15.01
C GLY C 50 0.02 13.15 15.92
N ALA C 51 1.29 13.50 16.12
CA ALA C 51 1.68 14.63 16.98
C ALA C 51 0.78 15.84 16.75
N ASP C 52 0.65 16.25 15.50
CA ASP C 52 -0.21 17.38 15.15
C ASP C 52 -1.54 16.76 14.72
N PRO C 53 -2.57 16.88 15.58
CA PRO C 53 -3.88 16.31 15.26
C PRO C 53 -4.53 16.81 13.96
N THR C 54 -4.06 17.94 13.43
CA THR C 54 -4.62 18.48 12.20
C THR C 54 -4.22 17.71 10.95
N VAL C 55 -3.19 16.86 11.07
CA VAL C 55 -2.76 16.06 9.93
C VAL C 55 -3.85 15.04 9.59
N ALA C 56 -4.29 14.30 10.60
CA ALA C 56 -5.33 13.29 10.40
C ALA C 56 -6.62 13.98 9.96
N GLN C 57 -6.82 15.19 10.45
CA GLN C 57 -8.01 15.95 10.09
C GLN C 57 -8.08 16.17 8.59
N ASP C 58 -6.96 16.64 8.04
CA ASP C 58 -6.87 16.93 6.61
C ASP C 58 -6.87 15.66 5.77
N LEU C 59 -6.27 14.60 6.31
CA LEU C 59 -6.24 13.35 5.57
C LEU C 59 -7.67 12.85 5.39
N LEU C 60 -8.46 12.88 6.47
CA LEU C 60 -9.85 12.43 6.41
C LEU C 60 -10.66 13.35 5.50
N GLY C 61 -10.43 14.65 5.63
CA GLY C 61 -11.15 15.61 4.80
C GLY C 61 -10.88 15.41 3.32
N ARG C 62 -9.61 15.31 2.96
CA ARG C 62 -9.21 15.12 1.57
C ARG C 62 -9.65 13.78 1.01
N LEU C 63 -9.67 12.75 1.87
CA LEU C 63 -10.09 11.43 1.40
C LEU C 63 -11.57 11.43 1.08
N ALA C 64 -12.33 12.22 1.84
CA ALA C 64 -13.77 12.33 1.64
C ALA C 64 -14.06 12.98 0.30
N GLU C 65 -13.15 13.82 -0.16
CA GLU C 65 -13.33 14.50 -1.43
C GLU C 65 -12.98 13.59 -2.62
N LEU C 66 -12.05 12.66 -2.39
CA LEU C 66 -11.65 11.72 -3.42
C LEU C 66 -12.62 10.55 -3.46
N ALA C 67 -13.23 10.27 -2.31
CA ALA C 67 -14.16 9.16 -2.15
C ALA C 67 -15.42 9.62 -1.43
N PRO C 68 -16.24 10.48 -2.09
CA PRO C 68 -17.46 11.00 -1.50
C PRO C 68 -18.49 9.90 -1.24
N ARG C 69 -19.25 10.04 -0.16
CA ARG C 69 -20.28 9.05 0.17
C ARG C 69 -21.33 9.02 -0.93
N HIS C 70 -21.65 10.20 -1.45
CA HIS C 70 -22.67 10.34 -2.48
C HIS C 70 -22.15 10.13 -3.90
N ARG C 71 -22.68 9.10 -4.56
CA ARG C 71 -22.31 8.78 -5.93
C ARG C 71 -23.49 8.08 -6.60
N PRO C 72 -24.26 8.83 -7.40
CA PRO C 72 -25.42 8.28 -8.11
C PRO C 72 -25.13 6.98 -8.86
N GLN C 73 -23.94 6.89 -9.46
CA GLN C 73 -23.58 5.71 -10.22
C GLN C 73 -23.23 4.46 -9.41
N ASP C 74 -23.09 4.61 -8.10
CA ASP C 74 -22.75 3.46 -7.24
C ASP C 74 -23.81 2.36 -7.37
N ARG C 75 -23.37 1.13 -7.56
CA ARG C 75 -24.26 -0.02 -7.66
C ARG C 75 -24.41 -0.69 -6.29
N HIS C 76 -23.42 -0.48 -5.43
CA HIS C 76 -23.42 -1.04 -4.08
C HIS C 76 -24.26 -0.10 -3.22
N LEU C 77 -25.58 -0.29 -3.25
CA LEU C 77 -26.51 0.58 -2.52
C LEU C 77 -26.48 0.56 -1.01
N GLU C 78 -25.78 -0.41 -0.41
CA GLU C 78 -25.69 -0.46 1.05
C GLU C 78 -25.12 0.88 1.52
N GLY C 79 -24.45 1.57 0.60
CA GLY C 79 -23.92 2.89 0.91
C GLY C 79 -22.48 3.06 1.38
N ASN C 80 -21.70 2.00 1.48
CA ASN C 80 -20.33 2.17 1.94
C ASN C 80 -19.23 1.97 0.90
N SER C 81 -19.56 2.14 -0.37
CA SER C 81 -18.56 1.99 -1.42
C SER C 81 -17.43 3.00 -1.22
N HIS C 82 -17.75 4.15 -0.65
CA HIS C 82 -16.73 5.17 -0.42
C HIS C 82 -15.69 4.62 0.55
N ALA C 83 -16.16 3.86 1.53
CA ALA C 83 -15.30 3.25 2.55
C ALA C 83 -14.44 2.14 1.96
N HIS C 84 -15.00 1.37 1.03
CA HIS C 84 -14.27 0.31 0.37
C HIS C 84 -13.11 0.91 -0.42
N LEU C 85 -13.37 2.01 -1.12
CA LEU C 85 -12.33 2.67 -1.88
C LEU C 85 -11.24 3.23 -0.97
N LYS C 86 -11.64 3.84 0.13
CA LYS C 86 -10.67 4.40 1.07
C LYS C 86 -9.80 3.30 1.67
N SER C 87 -10.40 2.15 1.92
CA SER C 87 -9.68 1.01 2.46
C SER C 87 -8.63 0.53 1.45
N LEU C 88 -9.04 0.40 0.19
CA LEU C 88 -8.12 -0.06 -0.87
C LEU C 88 -6.97 0.93 -1.04
N LEU C 89 -7.29 2.22 -1.05
CA LEU C 89 -6.28 3.26 -1.21
C LEU C 89 -5.27 3.29 -0.07
N THR C 90 -5.74 3.01 1.14
CA THR C 90 -4.87 3.05 2.30
C THR C 90 -4.10 1.74 2.48
N GLY C 91 -4.82 0.63 2.34
CA GLY C 91 -4.20 -0.68 2.49
C GLY C 91 -4.72 -1.34 3.75
N VAL C 92 -4.64 -2.67 3.83
CA VAL C 92 -5.12 -3.38 5.00
C VAL C 92 -4.04 -4.17 5.75
N HIS C 93 -2.77 -3.94 5.43
CA HIS C 93 -1.71 -4.64 6.15
C HIS C 93 -0.48 -3.77 6.21
N LEU C 94 0.35 -4.05 7.22
CA LEU C 94 1.59 -3.32 7.41
C LEU C 94 2.65 -4.28 7.87
N LEU C 95 3.90 -3.89 7.66
CA LEU C 95 5.06 -4.67 8.08
C LEU C 95 5.98 -3.59 8.62
N LEU C 96 6.30 -3.68 9.90
CA LEU C 96 7.15 -2.71 10.57
C LEU C 96 8.26 -3.39 11.35
N LEU C 97 9.25 -2.60 11.74
CA LEU C 97 10.37 -3.09 12.52
C LEU C 97 10.15 -2.65 13.95
N ALA C 98 10.67 -3.42 14.90
CA ALA C 98 10.55 -3.11 16.31
C ALA C 98 11.90 -3.39 16.96
N GLU C 99 12.17 -2.64 18.02
CA GLU C 99 13.41 -2.81 18.77
C GLU C 99 13.07 -2.94 20.24
N LYS C 100 13.33 -4.12 20.79
CA LYS C 100 13.09 -4.42 22.18
C LYS C 100 11.70 -4.05 22.67
N GLY C 101 10.68 -4.50 21.94
CA GLY C 101 9.31 -4.23 22.32
C GLY C 101 8.71 -2.92 21.82
N ARG C 102 9.52 -2.09 21.19
CA ARG C 102 9.02 -0.81 20.68
C ARG C 102 9.10 -0.72 19.16
N LEU C 103 8.05 -0.19 18.56
CA LEU C 103 8.03 -0.04 17.12
C LEU C 103 9.10 0.95 16.70
N ARG C 104 9.87 0.59 15.68
CA ARG C 104 10.93 1.45 15.18
C ARG C 104 10.27 2.37 14.14
N LEU C 105 9.90 3.56 14.57
CA LEU C 105 9.24 4.52 13.70
C LEU C 105 9.98 5.85 13.62
N GLY C 106 9.66 6.62 12.58
CA GLY C 106 10.29 7.91 12.42
C GLY C 106 9.78 8.90 13.45
N ARG C 107 10.42 10.06 13.51
CA ARG C 107 10.07 11.12 14.45
C ARG C 107 8.58 11.38 14.55
N TRP C 108 7.93 11.59 13.41
CA TRP C 108 6.50 11.89 13.40
C TRP C 108 5.60 10.76 12.93
N GLN C 109 5.96 9.52 13.20
CA GLN C 109 5.12 8.41 12.77
C GLN C 109 4.42 7.66 13.90
N GLN C 110 3.16 7.32 13.64
CA GLN C 110 2.34 6.57 14.57
C GLN C 110 1.56 5.59 13.71
N VAL C 111 1.16 4.47 14.31
CA VAL C 111 0.39 3.47 13.57
C VAL C 111 -1.08 3.75 13.83
N PHE C 112 -1.84 3.86 12.75
CA PHE C 112 -3.26 4.15 12.81
C PHE C 112 -4.15 3.11 12.16
N LEU C 113 -5.29 2.84 12.79
CA LEU C 113 -6.27 1.96 12.18
C LEU C 113 -7.20 3.04 11.61
N ALA C 114 -7.23 3.16 10.28
CA ALA C 114 -8.06 4.17 9.64
C ALA C 114 -9.47 3.66 9.45
N GLU C 115 -10.40 4.14 10.28
CA GLU C 115 -11.80 3.74 10.19
C GLU C 115 -12.55 4.62 9.20
N PHE C 116 -13.22 4.00 8.25
CA PHE C 116 -13.98 4.76 7.25
C PHE C 116 -15.46 4.38 7.28
N ASP C 117 -15.80 3.39 8.10
CA ASP C 117 -17.19 2.93 8.14
C ASP C 117 -17.56 2.40 9.52
N GLY C 118 -17.33 3.22 10.54
CA GLY C 118 -17.66 2.81 11.89
C GLY C 118 -18.99 3.39 12.33
N PRO C 119 -19.24 3.44 13.63
CA PRO C 119 -18.33 2.98 14.68
C PRO C 119 -18.46 1.48 14.91
N ARG C 120 -17.35 0.82 15.22
CA ARG C 120 -17.36 -0.61 15.48
C ARG C 120 -16.20 -0.97 16.39
N VAL C 121 -16.09 -2.25 16.69
CA VAL C 121 -14.97 -2.76 17.45
C VAL C 121 -14.28 -3.58 16.37
N ARG C 122 -13.18 -3.06 15.85
CA ARG C 122 -12.45 -3.72 14.78
C ARG C 122 -11.37 -4.61 15.37
N GLU C 123 -10.92 -5.57 14.59
CA GLU C 123 -9.85 -6.47 15.02
C GLU C 123 -8.62 -6.15 14.21
N VAL C 124 -7.46 -6.30 14.84
CA VAL C 124 -6.18 -6.10 14.18
C VAL C 124 -5.38 -7.34 14.58
N TRP C 125 -4.82 -8.03 13.59
CA TRP C 125 -4.02 -9.23 13.87
C TRP C 125 -2.55 -8.84 13.91
N VAL C 126 -1.82 -9.35 14.90
CA VAL C 126 -0.40 -9.06 15.05
C VAL C 126 0.41 -10.34 15.06
N ARG C 127 1.48 -10.38 14.27
CA ARG C 127 2.33 -11.55 14.21
C ARG C 127 3.79 -11.10 14.21
N LEU C 128 4.62 -11.73 15.04
CA LEU C 128 6.03 -11.38 15.13
C LEU C 128 6.84 -12.29 14.23
N LEU C 129 7.83 -11.73 13.53
CA LEU C 129 8.68 -12.51 12.66
C LEU C 129 10.06 -11.89 12.60
#